data_1OWK
#
_entry.id   1OWK
#
_cell.length_a   55.160
_cell.length_b   53.000
_cell.length_c   82.300
_cell.angle_alpha   90.00
_cell.angle_beta   90.00
_cell.angle_gamma   90.00
#
_symmetry.space_group_name_H-M   'P 21 21 21'
#
loop_
_entity.id
_entity.type
_entity.pdbx_description
1 polymer 'Urokinase-type plasminogen activator'
2 non-polymer 6-[(Z)-AMINO(IMINO)METHYL]-N-(1-ISOPROPYL-1,2,3,4-TETRAHYDROISOQUINOLIN-7-YL)-2-NAPHTHAMIDE
3 water water
#
_entity_poly.entity_id   1
_entity_poly.type   'polypeptide(L)'
_entity_poly.pdbx_seq_one_letter_code
;IIGGEFTTIENQPWFAAIYRRHRGGSVTYVCGGSLMSPCWVISATHCFIDYPKKEDYIVYLGRSRLNSNTQGEMKFEVEN
LILHKDYSADTLAHHNDIALLKIRSKEGRCAQPSRTIQTICLPSMYNDPQFGTSCEITGFGKENSTDYLYPEQLKMTVVK
LISHRECQQPHYYGSEVTTKMLCAADPQWKTDSCQGDSGGPLVCSLQGRMTLTGIVSWGRGCALKDKPGVYTRVSHFLPW
IRSHT
;
_entity_poly.pdbx_strand_id   A
#
loop_
_chem_comp.id
_chem_comp.type
_chem_comp.name
_chem_comp.formula
303 non-polymer 6-[(Z)-AMINO(IMINO)METHYL]-N-(1-ISOPROPYL-1,2,3,4-TETRAHYDROISOQUINOLIN-7-YL)-2-NAPHTHAMIDE 'C24 H26 N4 O'
#
# COMPACT_ATOMS: atom_id res chain seq x y z
N ILE A 1 -4.50 -7.12 7.71
CA ILE A 1 -3.67 -6.90 8.93
C ILE A 1 -3.79 -8.04 9.95
N ILE A 2 -2.65 -8.48 10.46
CA ILE A 2 -2.60 -9.54 11.47
C ILE A 2 -2.54 -8.83 12.83
N GLY A 3 -3.55 -9.06 13.67
CA GLY A 3 -3.58 -8.41 14.96
C GLY A 3 -4.08 -6.99 14.79
N GLY A 4 -3.32 -6.02 15.31
CA GLY A 4 -3.72 -4.64 15.18
C GLY A 4 -5.11 -4.31 15.73
N GLU A 5 -5.61 -3.15 15.33
CA GLU A 5 -6.90 -2.66 15.78
C GLU A 5 -7.85 -2.35 14.62
N PHE A 6 -9.15 -2.44 14.86
CA PHE A 6 -10.11 -2.09 13.84
C PHE A 6 -10.23 -0.59 13.85
N THR A 7 -10.20 0.03 12.68
CA THR A 7 -10.30 1.47 12.54
C THR A 7 -11.30 1.82 11.44
N THR A 8 -11.60 3.11 11.33
CA THR A 8 -12.54 3.64 10.34
C THR A 8 -11.79 4.63 9.46
N ILE A 9 -12.21 4.74 8.20
CA ILE A 9 -11.57 5.62 7.23
C ILE A 9 -11.26 7.05 7.69
N GLU A 10 -12.04 7.60 8.63
CA GLU A 10 -11.77 8.97 9.05
C GLU A 10 -10.30 9.09 9.48
N ASN A 11 -9.78 8.04 10.11
CA ASN A 11 -8.40 8.02 10.58
C ASN A 11 -7.40 7.84 9.43
N GLN A 12 -7.85 7.22 8.33
CA GLN A 12 -6.99 6.99 7.17
C GLN A 12 -7.57 7.68 5.94
N PRO A 13 -7.70 9.01 5.95
CA PRO A 13 -8.25 9.76 4.81
C PRO A 13 -7.65 9.50 3.44
N TRP A 14 -6.36 9.18 3.40
CA TRP A 14 -5.64 8.92 2.15
C TRP A 14 -5.61 7.46 1.67
N PHE A 15 -6.31 6.55 2.36
CA PHE A 15 -6.32 5.14 1.96
C PHE A 15 -7.32 4.89 0.85
N ALA A 16 -6.85 4.26 -0.23
CA ALA A 16 -7.72 3.96 -1.38
C ALA A 16 -8.01 2.47 -1.49
N ALA A 17 -9.28 2.16 -1.70
CA ALA A 17 -9.73 0.78 -1.83
C ALA A 17 -9.81 0.45 -3.31
N ILE A 18 -8.92 -0.40 -3.80
CA ILE A 18 -8.92 -0.77 -5.22
C ILE A 18 -9.62 -2.11 -5.53
N TYR A 19 -10.64 -2.07 -6.39
CA TYR A 19 -11.41 -3.25 -6.80
C TYR A 19 -11.30 -3.54 -8.30
N ARG A 20 -11.87 -4.67 -8.72
CA ARG A 20 -11.84 -5.11 -10.12
C ARG A 20 -13.08 -5.89 -10.58
N ARG A 21 -13.66 -5.48 -11.71
CA ARG A 21 -14.85 -6.13 -12.27
C ARG A 21 -14.49 -7.41 -13.00
N HIS A 22 -15.35 -8.42 -12.86
CA HIS A 22 -15.15 -9.70 -13.51
C HIS A 22 -16.19 -9.89 -14.58
N ARG A 23 -15.87 -10.74 -15.55
CA ARG A 23 -16.79 -11.05 -16.63
C ARG A 23 -18.00 -11.53 -15.82
N GLY A 24 -19.21 -11.21 -16.29
CA GLY A 24 -20.39 -11.63 -15.57
C GLY A 24 -20.90 -10.53 -14.67
N GLY A 25 -20.03 -9.91 -13.90
CA GLY A 25 -20.47 -8.82 -13.04
C GLY A 25 -19.98 -8.75 -11.61
N SER A 26 -19.37 -9.81 -11.08
CA SER A 26 -18.90 -9.77 -9.69
C SER A 26 -17.74 -8.82 -9.56
N VAL A 27 -17.57 -8.27 -8.37
CA VAL A 27 -16.48 -7.34 -8.11
C VAL A 27 -15.75 -7.72 -6.83
N THR A 28 -14.47 -8.08 -6.96
CA THR A 28 -13.69 -8.47 -5.80
C THR A 28 -12.67 -7.39 -5.46
N TYR A 29 -12.19 -7.42 -4.22
CA TYR A 29 -11.19 -6.47 -3.77
C TYR A 29 -9.84 -6.95 -4.30
N VAL A 30 -8.94 -6.00 -4.57
CA VAL A 30 -7.62 -6.34 -5.08
C VAL A 30 -6.50 -5.83 -4.15
N CYS A 31 -6.27 -4.52 -4.13
CA CYS A 31 -5.21 -3.95 -3.32
C CYS A 31 -5.49 -2.55 -2.82
N GLY A 32 -4.58 -2.07 -1.97
CA GLY A 32 -4.69 -0.74 -1.41
C GLY A 32 -3.92 0.30 -2.22
N GLY A 33 -4.06 1.57 -1.82
CA GLY A 33 -3.38 2.63 -2.52
C GLY A 33 -3.31 3.87 -1.64
N SER A 34 -2.57 4.88 -2.08
CA SER A 34 -2.42 6.12 -1.33
C SER A 34 -2.72 7.32 -2.23
N LEU A 35 -3.47 8.29 -1.71
CA LEU A 35 -3.81 9.47 -2.49
C LEU A 35 -2.62 10.43 -2.52
N MET A 36 -2.01 10.54 -3.68
CA MET A 36 -0.85 11.39 -3.91
C MET A 36 -1.29 12.84 -4.03
N SER A 37 -2.13 13.08 -5.03
CA SER A 37 -2.68 14.39 -5.31
C SER A 37 -4.13 14.09 -5.71
N PRO A 38 -4.99 15.12 -5.84
CA PRO A 38 -6.40 14.90 -6.21
C PRO A 38 -6.65 13.99 -7.42
N CYS A 39 -5.71 13.98 -8.38
CA CYS A 39 -5.86 13.16 -9.58
C CYS A 39 -5.00 11.89 -9.63
N TRP A 40 -4.14 11.65 -8.64
CA TRP A 40 -3.29 10.47 -8.68
C TRP A 40 -3.24 9.56 -7.45
N VAL A 41 -3.16 8.26 -7.71
CA VAL A 41 -3.08 7.24 -6.67
C VAL A 41 -1.81 6.44 -6.95
N ILE A 42 -1.08 6.09 -5.92
CA ILE A 42 0.13 5.31 -6.09
C ILE A 42 -0.01 3.97 -5.34
N SER A 43 0.33 2.87 -5.99
CA SER A 43 0.21 1.55 -5.38
C SER A 43 1.40 0.66 -5.79
N ALA A 44 1.17 -0.64 -5.96
CA ALA A 44 2.21 -1.56 -6.37
C ALA A 44 1.86 -2.15 -7.74
N THR A 45 2.87 -2.38 -8.56
CA THR A 45 2.68 -2.94 -9.89
C THR A 45 2.20 -4.39 -9.89
N HIS A 46 2.49 -5.15 -8.83
CA HIS A 46 2.08 -6.57 -8.81
C HIS A 46 0.60 -6.80 -8.55
N CYS A 47 -0.17 -5.73 -8.45
CA CYS A 47 -1.60 -5.84 -8.23
C CYS A 47 -2.36 -5.69 -9.54
N PHE A 48 -1.64 -5.40 -10.62
CA PHE A 48 -2.23 -5.17 -11.94
C PHE A 48 -1.46 -5.78 -13.11
N ILE A 49 -0.24 -6.23 -12.87
CA ILE A 49 0.61 -6.78 -13.90
C ILE A 49 -0.08 -7.85 -14.76
N ASP A 50 -0.87 -8.73 -14.13
CA ASP A 50 -1.57 -9.76 -14.88
C ASP A 50 -2.77 -9.27 -15.70
N TYR A 51 -3.53 -8.30 -15.20
CA TYR A 51 -4.66 -7.80 -15.98
C TYR A 51 -4.43 -6.31 -16.12
N PRO A 52 -3.48 -5.91 -17.00
CA PRO A 52 -3.10 -4.53 -17.28
C PRO A 52 -4.11 -3.64 -18.02
N LYS A 53 -5.40 -3.86 -17.78
CA LYS A 53 -6.42 -3.04 -18.43
C LYS A 53 -6.97 -1.98 -17.50
N LYS A 54 -6.65 -0.73 -17.77
CA LYS A 54 -7.16 0.34 -16.92
C LYS A 54 -8.68 0.25 -16.72
N GLU A 55 -9.39 -0.25 -17.71
CA GLU A 55 -10.84 -0.38 -17.66
C GLU A 55 -11.43 -1.35 -16.61
N ASP A 56 -10.66 -2.33 -16.15
CA ASP A 56 -11.23 -3.29 -15.18
C ASP A 56 -11.15 -2.90 -13.71
N TYR A 57 -10.72 -1.69 -13.40
CA TYR A 57 -10.55 -1.30 -12.00
C TYR A 57 -11.51 -0.25 -11.47
N ILE A 58 -11.67 -0.28 -10.15
CA ILE A 58 -12.53 0.66 -9.45
C ILE A 58 -11.74 1.13 -8.23
N VAL A 59 -11.73 2.43 -7.99
CA VAL A 59 -10.99 2.98 -6.86
C VAL A 59 -11.89 3.81 -5.96
N TYR A 60 -12.04 3.38 -4.71
CA TYR A 60 -12.87 4.08 -3.74
C TYR A 60 -12.08 4.88 -2.70
N LEU A 61 -12.63 6.02 -2.33
CA LEU A 61 -12.05 6.87 -1.30
C LEU A 61 -13.13 7.17 -0.25
N GLY A 62 -12.75 7.21 1.02
CA GLY A 62 -13.73 7.49 2.07
C GLY A 62 -14.67 6.33 2.33
N ARG A 63 -14.19 5.11 2.05
CA ARG A 63 -14.97 3.88 2.25
C ARG A 63 -14.38 3.11 3.45
N SER A 64 -15.20 2.86 4.46
CA SER A 64 -14.75 2.16 5.67
C SER A 64 -14.99 0.64 5.77
N ARG A 65 -15.86 0.10 4.92
CA ARG A 65 -16.14 -1.33 4.97
C ARG A 65 -16.10 -1.92 3.57
N LEU A 66 -15.81 -3.22 3.49
CA LEU A 66 -15.71 -3.93 2.21
C LEU A 66 -17.02 -3.97 1.42
N ASN A 67 -18.13 -4.27 2.07
CA ASN A 67 -19.40 -4.34 1.37
C ASN A 67 -20.43 -3.33 1.87
N SER A 68 -19.99 -2.10 2.06
CA SER A 68 -20.86 -1.02 2.53
C SER A 68 -20.39 0.29 1.91
N ASN A 69 -21.32 1.16 1.57
CA ASN A 69 -20.96 2.45 1.00
C ASN A 69 -21.01 3.52 2.10
N THR A 70 -19.91 3.62 2.83
CA THR A 70 -19.73 4.55 3.94
C THR A 70 -20.05 6.01 3.59
N GLN A 71 -20.67 6.73 4.53
CA GLN A 71 -21.02 8.13 4.31
C GLN A 71 -19.87 9.00 3.79
N GLY A 72 -20.14 9.74 2.72
CA GLY A 72 -19.15 10.62 2.13
C GLY A 72 -18.10 10.04 1.18
N GLU A 73 -18.30 8.82 0.70
CA GLU A 73 -17.32 8.21 -0.19
C GLU A 73 -17.45 8.68 -1.63
N MET A 74 -16.45 8.36 -2.45
CA MET A 74 -16.47 8.73 -3.86
C MET A 74 -15.96 7.56 -4.70
N LYS A 75 -16.71 7.22 -5.75
CA LYS A 75 -16.34 6.11 -6.63
C LYS A 75 -15.57 6.64 -7.85
N PHE A 76 -14.42 6.02 -8.16
CA PHE A 76 -13.62 6.47 -9.29
C PHE A 76 -13.25 5.41 -10.33
N GLU A 77 -12.67 5.88 -11.42
CA GLU A 77 -12.23 5.03 -12.51
C GLU A 77 -10.80 5.40 -12.89
N VAL A 78 -10.08 4.45 -13.46
CA VAL A 78 -8.68 4.65 -13.83
C VAL A 78 -8.47 5.23 -15.22
N GLU A 79 -8.21 6.54 -15.28
CA GLU A 79 -7.97 7.25 -16.53
C GLU A 79 -6.68 6.79 -17.18
N ASN A 80 -5.67 6.52 -16.34
CA ASN A 80 -4.37 6.10 -16.82
C ASN A 80 -3.68 5.18 -15.82
N LEU A 81 -3.27 4.00 -16.27
CA LEU A 81 -2.57 3.07 -15.38
C LEU A 81 -1.13 2.97 -15.88
N ILE A 82 -0.19 3.58 -15.15
CA ILE A 82 1.21 3.55 -15.54
C ILE A 82 2.00 2.62 -14.61
N LEU A 83 2.70 1.65 -15.21
CA LEU A 83 3.49 0.69 -14.47
C LEU A 83 4.98 0.89 -14.71
N HIS A 84 5.79 0.71 -13.67
CA HIS A 84 7.24 0.88 -13.80
C HIS A 84 7.69 -0.06 -14.89
N LYS A 85 8.44 0.46 -15.84
CA LYS A 85 8.89 -0.32 -17.00
C LYS A 85 9.95 -1.42 -16.80
N ASP A 86 10.35 -1.70 -15.56
CA ASP A 86 11.36 -2.74 -15.34
C ASP A 86 10.99 -3.76 -14.25
N TYR A 87 9.70 -3.93 -13.97
CA TYR A 87 9.23 -4.88 -12.95
C TYR A 87 9.49 -6.36 -13.21
N SER A 88 9.87 -7.06 -12.13
CA SER A 88 10.10 -8.50 -12.19
C SER A 88 9.78 -9.08 -10.81
N ALA A 89 9.39 -10.36 -10.79
CA ALA A 89 9.04 -11.04 -9.55
C ALA A 89 9.79 -12.35 -9.38
N ASP A 90 10.63 -12.41 -8.35
CA ASP A 90 11.41 -13.62 -8.04
C ASP A 90 10.68 -14.48 -7.01
N THR A 91 11.35 -15.53 -6.52
CA THR A 91 10.77 -16.44 -5.52
C THR A 91 10.07 -15.66 -4.39
N LEU A 92 10.68 -14.56 -3.95
CA LEU A 92 10.10 -13.74 -2.90
C LEU A 92 10.09 -12.28 -3.33
N ALA A 93 11.29 -11.68 -3.42
CA ALA A 93 11.48 -10.28 -3.79
C ALA A 93 10.80 -9.80 -5.08
N HIS A 94 10.21 -8.61 -5.00
CA HIS A 94 9.51 -7.97 -6.12
C HIS A 94 10.24 -6.65 -6.42
N HIS A 95 10.71 -6.50 -7.66
CA HIS A 95 11.46 -5.32 -8.07
C HIS A 95 10.63 -4.23 -8.76
N ASN A 96 10.99 -2.98 -8.51
CA ASN A 96 10.30 -1.85 -9.11
C ASN A 96 8.80 -2.11 -9.00
N ASP A 97 8.35 -2.32 -7.78
CA ASP A 97 6.96 -2.62 -7.48
C ASP A 97 6.24 -1.33 -7.05
N ILE A 98 6.17 -0.39 -7.97
CA ILE A 98 5.51 0.89 -7.71
C ILE A 98 4.62 1.17 -8.91
N ALA A 99 3.45 1.77 -8.68
CA ALA A 99 2.51 2.06 -9.77
C ALA A 99 1.70 3.33 -9.59
N LEU A 100 1.35 3.95 -10.70
CA LEU A 100 0.57 5.17 -10.71
C LEU A 100 -0.77 4.99 -11.44
N LEU A 101 -1.86 5.30 -10.74
CA LEU A 101 -3.21 5.22 -11.31
C LEU A 101 -3.87 6.60 -11.33
N LYS A 102 -3.92 7.22 -12.49
CA LYS A 102 -4.54 8.54 -12.60
C LYS A 102 -6.06 8.34 -12.61
N ILE A 103 -6.69 8.65 -11.48
CA ILE A 103 -8.13 8.47 -11.32
C ILE A 103 -9.01 9.57 -11.93
N ARG A 104 -10.28 9.23 -12.15
CA ARG A 104 -11.26 10.15 -12.76
C ARG A 104 -12.68 9.60 -12.59
N SER A 105 -13.59 10.48 -12.16
CA SER A 105 -14.99 10.10 -11.94
C SER A 105 -15.76 10.16 -13.24
N LYS A 106 -16.95 9.56 -13.26
CA LYS A 106 -17.79 9.54 -14.44
C LYS A 106 -18.07 10.94 -14.98
N GLU A 107 -18.10 11.93 -14.10
CA GLU A 107 -18.35 13.31 -14.51
C GLU A 107 -17.07 13.98 -15.03
N GLY A 108 -15.93 13.32 -14.86
CA GLY A 108 -14.67 13.83 -15.35
C GLY A 108 -13.78 14.55 -14.33
N ARG A 109 -14.19 14.59 -13.07
CA ARG A 109 -13.40 15.27 -12.03
C ARG A 109 -12.57 14.35 -11.15
N CYS A 110 -11.54 14.92 -10.53
CA CYS A 110 -10.67 14.14 -9.64
C CYS A 110 -11.26 14.11 -8.23
N ALA A 111 -10.46 13.68 -7.26
CA ALA A 111 -10.94 13.62 -5.90
C ALA A 111 -11.20 15.02 -5.37
N GLN A 112 -12.13 15.12 -4.44
CA GLN A 112 -12.53 16.37 -3.79
C GLN A 112 -12.26 16.19 -2.29
N PRO A 113 -11.17 16.79 -1.79
CA PRO A 113 -10.80 16.70 -0.37
C PRO A 113 -11.92 17.00 0.61
N SER A 114 -11.95 16.26 1.71
CA SER A 114 -12.95 16.44 2.76
C SER A 114 -12.36 15.93 4.08
N ARG A 115 -13.21 15.72 5.07
CA ARG A 115 -12.74 15.22 6.37
C ARG A 115 -12.36 13.74 6.28
N THR A 116 -12.83 13.05 5.23
CA THR A 116 -12.54 11.64 5.05
C THR A 116 -11.74 11.30 3.81
N ILE A 117 -11.36 12.32 3.02
CA ILE A 117 -10.58 12.11 1.80
C ILE A 117 -9.43 13.12 1.73
N GLN A 118 -8.23 12.67 2.14
CA GLN A 118 -7.03 13.51 2.14
C GLN A 118 -5.86 12.87 1.40
N THR A 119 -4.73 13.57 1.36
CA THR A 119 -3.53 13.09 0.68
C THR A 119 -2.32 13.14 1.61
N ILE A 120 -1.36 12.23 1.42
CA ILE A 120 -0.15 12.24 2.24
C ILE A 120 1.00 12.80 1.43
N CYS A 121 2.00 13.33 2.12
CA CYS A 121 3.16 13.92 1.48
C CYS A 121 4.20 12.87 1.07
N LEU A 122 4.79 13.05 -0.11
CA LEU A 122 5.83 12.16 -0.60
C LEU A 122 7.11 12.47 0.17
N PRO A 123 7.98 11.47 0.36
CA PRO A 123 9.22 11.74 1.09
C PRO A 123 10.10 12.60 0.20
N SER A 124 11.15 13.18 0.76
CA SER A 124 12.06 13.99 -0.03
C SER A 124 13.42 13.31 -0.18
N MET A 125 14.12 13.64 -1.27
CA MET A 125 15.43 13.09 -1.59
C MET A 125 16.36 12.81 -0.41
N TYR A 126 16.72 11.53 -0.25
CA TYR A 126 17.66 11.09 0.78
C TYR A 126 17.28 11.35 2.23
N ASN A 127 16.00 11.51 2.51
CA ASN A 127 15.58 11.77 3.89
C ASN A 127 14.63 10.68 4.39
N ASP A 128 15.19 9.58 4.87
CA ASP A 128 14.41 8.46 5.38
C ASP A 128 14.58 8.30 6.89
N PRO A 129 13.47 8.05 7.61
CA PRO A 129 13.56 7.88 9.05
C PRO A 129 14.53 6.75 9.43
N GLN A 130 15.34 7.01 10.47
CA GLN A 130 16.33 6.05 10.95
C GLN A 130 15.68 4.71 11.30
N PHE A 131 16.49 3.70 11.59
CA PHE A 131 15.92 2.40 11.91
C PHE A 131 15.34 2.41 13.32
N GLY A 132 14.31 1.60 13.53
CA GLY A 132 13.66 1.51 14.82
C GLY A 132 12.51 2.48 15.00
N THR A 133 12.13 3.16 13.91
CA THR A 133 11.05 4.13 13.98
C THR A 133 9.70 3.42 13.80
N SER A 134 8.72 3.83 14.59
CA SER A 134 7.38 3.27 14.54
C SER A 134 6.55 3.96 13.45
N CYS A 135 5.83 3.16 12.67
CA CYS A 135 4.97 3.68 11.60
C CYS A 135 3.73 2.79 11.49
N GLU A 136 2.68 3.30 10.84
CA GLU A 136 1.43 2.54 10.68
C GLU A 136 1.18 2.02 9.26
N ILE A 137 0.41 0.94 9.18
CA ILE A 137 0.03 0.32 7.90
C ILE A 137 -1.47 0.07 7.91
N THR A 138 -2.11 0.09 6.75
CA THR A 138 -3.57 -0.11 6.70
C THR A 138 -4.05 -0.95 5.54
N GLY A 139 -5.07 -1.76 5.79
CA GLY A 139 -5.60 -2.57 4.72
C GLY A 139 -6.78 -3.45 5.10
N PHE A 140 -7.44 -3.94 4.07
CA PHE A 140 -8.56 -4.85 4.25
C PHE A 140 -8.02 -6.27 4.05
N GLY A 141 -6.75 -6.49 4.40
CA GLY A 141 -6.12 -7.79 4.24
C GLY A 141 -6.39 -8.79 5.36
N LYS A 142 -6.02 -10.04 5.13
CA LYS A 142 -6.22 -11.13 6.11
C LYS A 142 -5.84 -10.82 7.56
N GLU A 143 -6.54 -11.47 8.48
CA GLU A 143 -6.30 -11.31 9.92
C GLU A 143 -5.60 -12.58 10.43
N ASN A 144 -5.40 -13.52 9.52
CA ASN A 144 -4.78 -14.81 9.76
C ASN A 144 -4.29 -15.32 8.42
N SER A 145 -3.25 -16.15 8.43
CA SER A 145 -2.73 -16.68 7.18
C SER A 145 -3.60 -17.82 6.63
N THR A 146 -4.42 -18.42 7.50
CA THR A 146 -5.30 -19.52 7.08
C THR A 146 -6.71 -19.13 6.66
N ASP A 147 -7.03 -17.83 6.67
CA ASP A 147 -8.35 -17.38 6.24
C ASP A 147 -8.33 -17.12 4.73
N TYR A 148 -9.48 -17.29 4.09
CA TYR A 148 -9.61 -17.03 2.65
C TYR A 148 -10.45 -15.76 2.41
N LEU A 149 -11.14 -15.31 3.45
CA LEU A 149 -11.97 -14.12 3.39
C LEU A 149 -11.31 -12.95 4.11
N TYR A 150 -11.59 -11.74 3.64
CA TYR A 150 -11.01 -10.53 4.24
C TYR A 150 -11.93 -9.93 5.31
N PRO A 151 -11.37 -9.15 6.25
CA PRO A 151 -12.22 -8.56 7.27
C PRO A 151 -13.17 -7.49 6.66
N GLU A 152 -14.44 -7.58 7.04
CA GLU A 152 -15.46 -6.66 6.57
C GLU A 152 -15.22 -5.22 7.02
N GLN A 153 -14.27 -5.00 7.92
CA GLN A 153 -13.97 -3.66 8.42
C GLN A 153 -12.49 -3.36 8.29
N LEU A 154 -12.15 -2.11 8.01
CA LEU A 154 -10.75 -1.71 7.85
C LEU A 154 -9.97 -1.89 9.17
N LYS A 155 -8.71 -2.32 9.05
CA LYS A 155 -7.83 -2.51 10.21
C LYS A 155 -6.52 -1.74 10.08
N MET A 156 -5.83 -1.58 11.21
CA MET A 156 -4.56 -0.86 11.23
C MET A 156 -3.62 -1.38 12.31
N THR A 157 -2.32 -1.14 12.15
CA THR A 157 -1.32 -1.59 13.13
C THR A 157 -0.01 -0.80 12.97
N VAL A 158 0.85 -0.90 13.98
CA VAL A 158 2.14 -0.21 13.97
C VAL A 158 3.28 -1.22 13.98
N VAL A 159 4.36 -0.88 13.27
CA VAL A 159 5.56 -1.73 13.18
C VAL A 159 6.81 -0.84 13.27
N LYS A 160 7.99 -1.46 13.37
CA LYS A 160 9.24 -0.71 13.50
C LYS A 160 10.17 -0.90 12.31
N LEU A 161 10.77 0.18 11.81
CA LEU A 161 11.68 0.06 10.67
C LEU A 161 12.99 -0.68 10.99
N ILE A 162 13.33 -1.65 10.16
CA ILE A 162 14.54 -2.44 10.34
C ILE A 162 15.66 -1.96 9.41
N SER A 163 16.88 -1.83 9.93
CA SER A 163 18.02 -1.37 9.14
C SER A 163 18.22 -2.25 7.91
N HIS A 164 19.09 -1.85 6.99
CA HIS A 164 19.31 -2.67 5.81
C HIS A 164 20.27 -3.83 6.10
N ARG A 165 21.32 -3.61 6.88
CA ARG A 165 22.23 -4.71 7.16
C ARG A 165 21.50 -5.80 7.93
N GLU A 166 20.63 -5.42 8.87
CA GLU A 166 19.88 -6.39 9.66
C GLU A 166 18.87 -7.19 8.83
N CYS A 167 18.40 -6.61 7.72
CA CYS A 167 17.43 -7.30 6.90
C CYS A 167 18.12 -8.26 5.92
N GLN A 168 19.45 -8.12 5.77
CA GLN A 168 20.24 -8.99 4.89
C GLN A 168 20.97 -10.15 5.58
N GLN A 169 20.74 -10.33 6.87
CA GLN A 169 21.38 -11.41 7.59
C GLN A 169 20.89 -12.74 7.00
N PRO A 170 21.63 -13.82 7.23
CA PRO A 170 21.24 -15.13 6.72
C PRO A 170 19.85 -15.58 7.15
N HIS A 171 19.51 -15.39 8.42
CA HIS A 171 18.18 -15.76 8.92
C HIS A 171 17.04 -14.79 8.60
N TYR A 172 17.35 -13.77 7.81
CA TYR A 172 16.34 -12.81 7.39
C TYR A 172 16.12 -12.95 5.87
N TYR A 173 16.67 -12.04 5.07
CA TYR A 173 16.48 -12.15 3.62
C TYR A 173 17.75 -12.22 2.77
N GLY A 174 18.91 -12.43 3.40
CA GLY A 174 20.16 -12.51 2.65
C GLY A 174 20.33 -11.30 1.74
N SER A 175 20.84 -11.55 0.54
CA SER A 175 21.02 -10.50 -0.46
C SER A 175 19.75 -10.24 -1.27
N GLU A 176 18.66 -10.94 -0.95
CA GLU A 176 17.39 -10.78 -1.66
C GLU A 176 16.79 -9.39 -1.49
N VAL A 177 17.01 -8.80 -0.32
CA VAL A 177 16.51 -7.46 -0.05
C VAL A 177 17.56 -6.47 -0.56
N THR A 178 17.11 -5.52 -1.38
CA THR A 178 17.99 -4.53 -1.99
C THR A 178 17.82 -3.13 -1.42
N THR A 179 18.81 -2.28 -1.63
CA THR A 179 18.79 -0.91 -1.12
C THR A 179 17.62 -0.02 -1.55
N LYS A 180 16.84 -0.45 -2.53
CA LYS A 180 15.69 0.35 -2.94
C LYS A 180 14.42 -0.10 -2.22
N MET A 181 14.59 -0.94 -1.21
CA MET A 181 13.48 -1.48 -0.43
C MET A 181 13.70 -1.23 1.08
N LEU A 182 12.60 -1.25 1.85
CA LEU A 182 12.68 -1.07 3.30
C LEU A 182 12.04 -2.28 3.99
N CYS A 183 12.45 -2.55 5.22
CA CYS A 183 11.89 -3.65 6.00
C CYS A 183 11.29 -3.09 7.29
N ALA A 184 10.15 -3.63 7.70
CA ALA A 184 9.49 -3.19 8.93
C ALA A 184 8.85 -4.41 9.61
N ALA A 185 8.75 -4.39 10.94
CA ALA A 185 8.16 -5.52 11.66
C ALA A 185 7.99 -5.35 13.18
N ASP A 186 7.12 -6.18 13.75
CA ASP A 186 6.83 -6.20 15.18
C ASP A 186 7.97 -6.99 15.84
N PRO A 187 8.66 -6.39 16.83
CA PRO A 187 9.75 -7.12 17.50
C PRO A 187 9.31 -8.44 18.15
N GLN A 188 8.01 -8.63 18.31
CA GLN A 188 7.45 -9.83 18.91
C GLN A 188 6.76 -10.76 17.88
N TRP A 189 6.72 -10.32 16.62
CA TRP A 189 6.16 -11.09 15.51
C TRP A 189 4.70 -11.54 15.68
N LYS A 190 3.87 -10.69 16.30
CA LYS A 190 2.46 -11.00 16.53
C LYS A 190 1.53 -10.21 15.61
N THR A 191 2.00 -9.06 15.13
CA THR A 191 1.22 -8.17 14.26
C THR A 191 2.03 -7.92 12.99
N ASP A 192 1.36 -7.67 11.87
CA ASP A 192 2.05 -7.47 10.59
C ASP A 192 1.05 -7.29 9.44
N SER A 193 1.49 -6.83 8.27
CA SER A 193 0.57 -6.73 7.14
C SER A 193 0.52 -8.13 6.54
N CYS A 194 -0.39 -8.38 5.60
CA CYS A 194 -0.50 -9.71 5.03
C CYS A 194 -1.16 -9.63 3.65
N GLN A 195 -1.49 -10.77 3.06
CA GLN A 195 -2.12 -10.79 1.74
C GLN A 195 -3.45 -10.04 1.67
N GLY A 196 -3.52 -9.07 0.76
CA GLY A 196 -4.71 -8.26 0.60
C GLY A 196 -4.32 -6.82 0.92
N ASP A 197 -3.23 -6.67 1.68
CA ASP A 197 -2.73 -5.36 2.07
C ASP A 197 -1.77 -4.71 1.07
N SER A 198 -1.17 -5.52 0.21
CA SER A 198 -0.24 -5.01 -0.80
C SER A 198 -0.69 -3.69 -1.42
N GLY A 199 0.29 -2.85 -1.78
CA GLY A 199 0.00 -1.57 -2.39
C GLY A 199 -0.43 -0.49 -1.41
N GLY A 200 -0.72 -0.91 -0.18
CA GLY A 200 -1.16 0.03 0.85
C GLY A 200 -0.08 0.88 1.45
N PRO A 201 -0.47 1.92 2.20
CA PRO A 201 0.41 2.88 2.87
C PRO A 201 1.16 2.42 4.13
N LEU A 202 2.41 2.85 4.21
CA LEU A 202 3.27 2.62 5.36
C LEU A 202 3.62 4.08 5.71
N VAL A 203 2.91 4.66 6.68
CA VAL A 203 3.15 6.05 7.03
C VAL A 203 4.04 6.28 8.25
N CYS A 204 5.10 7.06 8.06
CA CYS A 204 6.04 7.37 9.13
C CYS A 204 6.00 8.87 9.43
N SER A 205 5.97 9.24 10.70
CA SER A 205 5.96 10.67 11.02
C SER A 205 7.40 11.17 10.99
N LEU A 206 7.78 11.72 9.85
CA LEU A 206 9.13 12.22 9.65
C LEU A 206 9.27 13.72 9.90
N GLN A 207 10.07 14.07 10.89
CA GLN A 207 10.32 15.47 11.22
C GLN A 207 9.03 16.27 11.29
N GLY A 208 8.04 15.73 11.99
CA GLY A 208 6.77 16.42 12.14
C GLY A 208 5.66 16.05 11.18
N ARG A 209 5.96 15.89 9.90
CA ARG A 209 4.92 15.56 8.93
C ARG A 209 4.78 14.11 8.54
N MET A 210 3.54 13.62 8.58
CA MET A 210 3.21 12.25 8.20
C MET A 210 3.70 12.06 6.76
N THR A 211 4.60 11.11 6.55
CA THR A 211 5.18 10.87 5.24
C THR A 211 4.89 9.47 4.72
N LEU A 212 4.69 9.35 3.41
CA LEU A 212 4.47 8.05 2.78
C LEU A 212 5.87 7.53 2.44
N THR A 213 6.42 6.69 3.32
CA THR A 213 7.76 6.16 3.13
C THR A 213 7.82 4.79 2.47
N GLY A 214 6.80 3.96 2.70
CA GLY A 214 6.78 2.65 2.09
C GLY A 214 5.47 2.27 1.43
N ILE A 215 5.55 1.31 0.51
CA ILE A 215 4.41 0.77 -0.21
C ILE A 215 4.48 -0.73 0.06
N VAL A 216 3.41 -1.31 0.55
CA VAL A 216 3.41 -2.74 0.83
C VAL A 216 3.75 -3.53 -0.44
N SER A 217 4.75 -4.41 -0.36
CA SER A 217 5.18 -5.19 -1.51
C SER A 217 5.22 -6.70 -1.26
N TRP A 218 6.23 -7.18 -0.53
CA TRP A 218 6.36 -8.61 -0.25
C TRP A 218 6.84 -8.97 1.15
N GLY A 219 6.94 -10.28 1.39
CA GLY A 219 7.40 -10.81 2.66
C GLY A 219 7.17 -12.31 2.76
N ARG A 220 8.01 -13.01 3.50
CA ARG A 220 7.86 -14.47 3.64
C ARG A 220 6.78 -14.75 4.71
N GLY A 221 5.59 -15.11 4.25
CA GLY A 221 4.49 -15.41 5.16
C GLY A 221 3.89 -14.14 5.73
N CYS A 222 3.34 -14.22 6.94
CA CYS A 222 2.74 -13.07 7.64
C CYS A 222 2.98 -13.19 9.13
N ALA A 223 3.73 -12.24 9.69
CA ALA A 223 4.05 -12.22 11.12
C ALA A 223 4.91 -13.41 11.55
N LEU A 224 5.76 -13.89 10.64
CA LEU A 224 6.65 -15.01 10.95
C LEU A 224 7.97 -14.50 11.47
N LYS A 225 8.54 -15.26 12.40
CA LYS A 225 9.81 -14.90 13.02
C LYS A 225 10.91 -14.63 12.01
N ASP A 226 11.62 -13.53 12.23
CA ASP A 226 12.72 -13.11 11.37
C ASP A 226 12.37 -12.95 9.90
N LYS A 227 11.07 -12.82 9.62
CA LYS A 227 10.61 -12.64 8.25
C LYS A 227 9.77 -11.37 8.15
N PRO A 228 10.43 -10.20 8.15
CA PRO A 228 9.76 -8.90 8.07
C PRO A 228 8.92 -8.69 6.82
N GLY A 229 8.28 -7.53 6.75
CA GLY A 229 7.48 -7.17 5.59
C GLY A 229 8.37 -6.19 4.85
N VAL A 230 8.47 -6.35 3.52
CA VAL A 230 9.32 -5.46 2.73
C VAL A 230 8.44 -4.49 1.97
N TYR A 231 8.87 -3.24 1.91
CA TYR A 231 8.13 -2.15 1.27
C TYR A 231 8.95 -1.46 0.18
N THR A 232 8.28 -0.74 -0.72
CA THR A 232 8.96 -0.01 -1.79
C THR A 232 9.44 1.34 -1.24
N ARG A 233 10.74 1.62 -1.36
CA ARG A 233 11.28 2.88 -0.86
C ARG A 233 10.98 4.07 -1.78
N VAL A 234 9.83 4.71 -1.53
CA VAL A 234 9.39 5.85 -2.31
C VAL A 234 10.48 6.90 -2.63
N SER A 235 11.23 7.34 -1.61
CA SER A 235 12.28 8.34 -1.78
C SER A 235 13.16 8.11 -2.99
N HIS A 236 13.49 6.85 -3.25
CA HIS A 236 14.34 6.48 -4.40
C HIS A 236 13.69 6.80 -5.73
N PHE A 237 12.39 6.59 -5.82
CA PHE A 237 11.66 6.78 -7.06
C PHE A 237 11.10 8.18 -7.34
N LEU A 238 11.43 9.15 -6.50
CA LEU A 238 10.94 10.50 -6.70
C LEU A 238 11.09 11.03 -8.13
N PRO A 239 12.29 10.91 -8.75
CA PRO A 239 12.45 11.38 -10.13
C PRO A 239 11.50 10.72 -11.14
N TRP A 240 11.11 9.49 -10.84
CA TRP A 240 10.20 8.71 -11.67
C TRP A 240 8.76 9.24 -11.53
N ILE A 241 8.33 9.40 -10.28
CA ILE A 241 6.99 9.90 -9.97
C ILE A 241 6.81 11.29 -10.57
N ARG A 242 7.79 12.16 -10.34
CA ARG A 242 7.76 13.52 -10.86
C ARG A 242 7.64 13.57 -12.38
N SER A 243 8.57 12.92 -13.07
CA SER A 243 8.55 12.93 -14.52
C SER A 243 7.37 12.19 -15.12
N HIS A 244 6.75 11.30 -14.34
CA HIS A 244 5.59 10.52 -14.78
C HIS A 244 4.23 11.06 -14.35
N THR A 245 4.21 12.25 -13.73
CA THR A 245 2.94 12.85 -13.29
C THR A 245 2.81 14.31 -13.75
N18 303 B . 4.00 -8.06 5.59
C17 303 B . 3.94 -9.23 4.96
N19 303 B . 4.22 -10.33 5.65
C4 303 B . 3.54 -9.31 3.53
C5 303 B . 2.95 -10.53 3.06
C6 303 B . 2.44 -10.70 1.74
C10 303 B . 1.85 -11.95 1.34
C11 303 B . 1.35 -12.14 0.03
C12 303 B . 1.42 -11.09 -0.94
C13 303 B . 2.01 -9.82 -0.56
C1 303 B . 2.53 -9.61 0.79
C2 303 B . 3.16 -8.37 1.27
C3 303 B . 3.67 -8.22 2.61
C20 303 B . 0.88 -11.46 -2.28
O21 303 B . 0.03 -12.34 -2.39
N22 303 B . 1.39 -10.81 -3.37
C23 303 B . 1.21 -11.15 -4.70
C28 303 B . 0.02 -11.71 -5.23
C27 303 B . -0.12 -11.96 -6.62
C26 303 B . 0.94 -11.56 -7.49
C25 303 B . 2.13 -11.04 -6.98
C24 303 B . 2.27 -10.88 -5.59
C32 303 B . 0.78 -11.70 -9.00
C33 303 B . -0.69 -11.88 -9.41
N34 303 B . -1.21 -12.99 -8.61
C35 303 B . -1.34 -12.66 -7.19
C40 303 B . -1.76 -13.93 -6.44
C42 303 B . -0.77 -15.11 -6.58
C46 303 B . -3.22 -14.31 -6.69
#